data_2ZU2
#
_entry.id   2ZU2
#
_cell.length_a   53.470
_cell.length_b   76.810
_cell.length_c   76.670
_cell.angle_alpha   90.00
_cell.angle_beta   90.96
_cell.angle_gamma   90.00
#
_symmetry.space_group_name_H-M   'P 1 21 1'
#
loop_
_entity.id
_entity.type
_entity.pdbx_description
1 polymer '3C-like proteinase'
2 non-polymer (4S)-2-METHYL-2,4-PENTANEDIOL
3 non-polymer zinc(II)hydrogensulfide
4 water water
#
_entity_poly.entity_id   1
_entity_poly.type   'polypeptide(L)'
_entity_poly.pdbx_seq_one_letter_code
;AGLRKMAQPSGFVEKCVVRVCYGNTVLNGLWLGDIVYCPRHVIASNTTSAIDYDHEYSIMRLHNFSIISGTAFLGVVGAT
MHGVTLKIKVSQTNMHTPRHSFRTLKSGEGFNILACYDGCAQGVFGVNMRTNWTIRGSFINGACGSPGYNLKNGEVEFVY
MHQIELGSGSHVGSSFDGVMYGGFEDQPNLQVESANQMLTVNVVAFLYAAILNGCTWWLKGEKLFVEHYNEWAQANGFTA
MNGEDAFSILAAKTGVCVERLLHAIQVLNNGFGGKQILGYSSLNDEFSINEVVKQMFGVNLQ
;
_entity_poly.pdbx_strand_id   A,B
#
loop_
_chem_comp.id
_chem_comp.type
_chem_comp.name
_chem_comp.formula
DTZ non-polymer zinc(II)hydrogensulfide 'H2 S2 Zn'
MPD non-polymer (4S)-2-METHYL-2,4-PENTANEDIOL 'C6 H14 O2'
#
# COMPACT_ATOMS: atom_id res chain seq x y z
N ALA A 1 -13.65 -8.23 6.85
CA ALA A 1 -13.43 -7.25 7.94
C ALA A 1 -12.08 -6.56 7.78
N GLY A 2 -11.91 -5.45 8.49
CA GLY A 2 -10.67 -4.70 8.41
C GLY A 2 -10.74 -3.52 7.47
N LEU A 3 -9.79 -2.60 7.61
CA LEU A 3 -9.72 -1.42 6.75
C LEU A 3 -8.24 -1.12 6.60
N ARG A 4 -7.73 -1.31 5.38
CA ARG A 4 -6.32 -1.08 5.11
C ARG A 4 -6.08 -0.20 3.91
N LYS A 5 -5.08 0.66 4.03
CA LYS A 5 -4.73 1.52 2.92
C LYS A 5 -4.11 0.59 1.89
N MET A 6 -4.76 0.49 0.73
CA MET A 6 -4.29 -0.38 -0.34
C MET A 6 -3.99 0.40 -1.59
N ALA A 7 -3.25 -0.23 -2.49
CA ALA A 7 -2.95 0.37 -3.77
C ALA A 7 -3.62 -0.57 -4.76
N GLN A 8 -4.06 -0.04 -5.89
CA GLN A 8 -4.65 -0.91 -6.89
C GLN A 8 -3.46 -1.60 -7.56
N PRO A 9 -3.66 -2.80 -8.12
CA PRO A 9 -2.58 -3.54 -8.78
C PRO A 9 -1.81 -2.69 -9.78
N SER A 10 -0.49 -2.90 -9.83
CA SER A 10 0.38 -2.15 -10.72
C SER A 10 0.75 -2.83 -12.04
N GLY A 11 0.29 -4.07 -12.24
CA GLY A 11 0.61 -4.80 -13.46
C GLY A 11 0.55 -4.09 -14.80
N PHE A 12 -0.55 -3.41 -15.08
CA PHE A 12 -0.71 -2.70 -16.35
C PHE A 12 0.19 -1.49 -16.52
N VAL A 13 0.62 -0.91 -15.40
CA VAL A 13 1.48 0.26 -15.47
C VAL A 13 2.98 -0.08 -15.53
N GLU A 14 3.39 -1.14 -14.84
CA GLU A 14 4.80 -1.52 -14.81
C GLU A 14 5.43 -1.66 -16.20
N LYS A 15 4.66 -2.24 -17.12
CA LYS A 15 5.09 -2.47 -18.49
C LYS A 15 5.31 -1.20 -19.31
N CYS A 16 4.88 -0.07 -18.77
CA CYS A 16 5.02 1.20 -19.48
C CYS A 16 6.14 2.09 -18.97
N VAL A 17 6.81 1.69 -17.89
CA VAL A 17 7.88 2.51 -17.34
C VAL A 17 9.18 2.34 -18.12
N VAL A 18 9.82 3.46 -18.46
CA VAL A 18 11.09 3.41 -19.16
C VAL A 18 12.09 4.34 -18.48
N ARG A 19 13.36 4.17 -18.82
CA ARG A 19 14.41 5.02 -18.28
C ARG A 19 14.67 6.09 -19.34
N VAL A 20 14.70 7.34 -18.92
CA VAL A 20 14.97 8.42 -19.86
C VAL A 20 16.26 9.11 -19.42
N CYS A 21 17.27 9.04 -20.28
CA CYS A 21 18.57 9.66 -20.00
C CYS A 21 18.83 10.78 -20.99
N TYR A 22 19.29 11.92 -20.49
CA TYR A 22 19.64 13.03 -21.36
C TYR A 22 20.84 13.74 -20.75
N GLY A 23 21.96 13.73 -21.47
CA GLY A 23 23.14 14.39 -20.96
C GLY A 23 23.56 13.78 -19.64
N ASN A 24 23.70 14.63 -18.62
CA ASN A 24 24.12 14.16 -17.30
C ASN A 24 22.97 13.90 -16.33
N THR A 25 21.78 13.60 -16.85
CA THR A 25 20.63 13.36 -15.99
C THR A 25 19.88 12.10 -16.41
N VAL A 26 19.32 11.40 -15.43
CA VAL A 26 18.55 10.19 -15.68
C VAL A 26 17.31 10.18 -14.78
N LEU A 27 16.15 9.92 -15.38
CA LEU A 27 14.92 9.83 -14.61
C LEU A 27 13.97 8.90 -15.32
N ASN A 28 12.72 8.84 -14.87
CA ASN A 28 11.74 7.92 -15.47
C ASN A 28 10.78 8.57 -16.45
N GLY A 29 10.28 7.74 -17.36
CA GLY A 29 9.32 8.18 -18.36
C GLY A 29 8.21 7.15 -18.46
N LEU A 30 7.10 7.54 -19.06
CA LEU A 30 5.95 6.66 -19.24
C LEU A 30 5.76 6.50 -20.75
N TRP A 31 5.86 5.27 -21.22
CA TRP A 31 5.75 4.95 -22.65
C TRP A 31 4.36 4.40 -22.99
N LEU A 32 3.59 5.20 -23.75
CA LEU A 32 2.24 4.82 -24.16
C LEU A 32 2.14 5.08 -25.66
N GLY A 33 1.76 4.07 -26.43
CA GLY A 33 1.69 4.25 -27.86
C GLY A 33 3.11 4.49 -28.36
N ASP A 34 3.32 5.56 -29.12
CA ASP A 34 4.67 5.88 -29.61
C ASP A 34 5.20 7.14 -28.95
N ILE A 35 4.71 7.42 -27.75
CA ILE A 35 5.13 8.60 -26.99
C ILE A 35 5.65 8.26 -25.60
N VAL A 36 6.73 8.92 -25.21
CA VAL A 36 7.29 8.73 -23.89
C VAL A 36 7.08 10.06 -23.17
N TYR A 37 6.41 10.02 -22.02
CA TYR A 37 6.17 11.23 -21.25
C TYR A 37 7.14 11.27 -20.07
N CYS A 38 7.68 12.46 -19.78
CA CYS A 38 8.60 12.62 -18.65
C CYS A 38 8.72 14.09 -18.24
N PRO A 39 9.35 14.36 -17.09
CA PRO A 39 9.52 15.74 -16.63
C PRO A 39 10.48 16.45 -17.58
N ARG A 40 10.19 17.71 -17.91
CA ARG A 40 11.03 18.45 -18.84
C ARG A 40 12.41 18.81 -18.28
N HIS A 41 12.56 18.83 -16.96
CA HIS A 41 13.87 19.20 -16.42
C HIS A 41 14.97 18.19 -16.72
N VAL A 42 14.60 17.06 -17.32
CA VAL A 42 15.61 16.07 -17.67
C VAL A 42 16.61 16.67 -18.68
N ILE A 43 16.20 17.73 -19.38
CA ILE A 43 17.09 18.36 -20.35
C ILE A 43 17.85 19.55 -19.79
N ALA A 44 17.54 19.91 -18.54
CA ALA A 44 18.21 21.04 -17.91
C ALA A 44 19.67 20.71 -17.66
N SER A 45 20.56 21.43 -18.33
CA SER A 45 22.00 21.19 -18.19
C SER A 45 22.52 21.58 -16.82
N ASN A 46 22.13 22.77 -16.35
CA ASN A 46 22.57 23.28 -15.06
C ASN A 46 21.36 23.65 -14.22
N THR A 47 21.30 23.16 -12.99
CA THR A 47 20.19 23.46 -12.10
C THR A 47 20.65 24.21 -10.85
N THR A 48 21.71 25.00 -10.99
CA THR A 48 22.26 25.78 -9.89
C THR A 48 21.49 27.08 -9.71
N SER A 49 20.81 27.51 -10.77
CA SER A 49 20.05 28.74 -10.76
C SER A 49 18.83 28.63 -11.69
N ALA A 50 18.10 29.72 -11.85
CA ALA A 50 16.90 29.74 -12.69
C ALA A 50 17.12 29.10 -14.06
N ILE A 51 16.17 28.27 -14.47
CA ILE A 51 16.25 27.56 -15.74
C ILE A 51 15.37 28.21 -16.81
N ASP A 52 15.97 28.53 -17.94
CA ASP A 52 15.25 29.12 -19.07
C ASP A 52 14.89 27.94 -19.96
N TYR A 53 13.73 27.34 -19.71
CA TYR A 53 13.29 26.18 -20.48
C TYR A 53 13.15 26.41 -21.98
N ASP A 54 12.80 27.62 -22.39
CA ASP A 54 12.68 27.92 -23.81
C ASP A 54 14.07 27.79 -24.42
N HIS A 55 15.08 28.32 -23.72
CA HIS A 55 16.46 28.26 -24.18
C HIS A 55 16.94 26.81 -24.16
N GLU A 56 16.66 26.13 -23.07
CA GLU A 56 17.06 24.73 -22.91
C GLU A 56 16.49 23.89 -24.05
N TYR A 57 15.24 24.14 -24.41
CA TYR A 57 14.61 23.39 -25.48
C TYR A 57 15.20 23.74 -26.85
N SER A 58 15.63 24.99 -27.02
CA SER A 58 16.20 25.42 -28.30
C SER A 58 17.56 24.76 -28.57
N ILE A 59 18.30 24.46 -27.51
CA ILE A 59 19.62 23.85 -27.67
C ILE A 59 19.53 22.32 -27.60
N MET A 60 18.37 21.82 -27.20
CA MET A 60 18.15 20.38 -27.07
C MET A 60 18.42 19.66 -28.38
N ARG A 61 19.10 18.52 -28.30
CA ARG A 61 19.40 17.72 -29.48
C ARG A 61 18.90 16.30 -29.24
N LEU A 62 18.09 15.80 -30.17
CA LEU A 62 17.51 14.46 -30.05
C LEU A 62 18.51 13.33 -29.86
N HIS A 63 19.70 13.46 -30.43
CA HIS A 63 20.70 12.41 -30.28
C HIS A 63 21.25 12.30 -28.86
N ASN A 64 21.00 13.30 -28.02
CA ASN A 64 21.48 13.25 -26.64
C ASN A 64 20.60 12.41 -25.73
N PHE A 65 19.46 11.97 -26.25
CA PHE A 65 18.53 11.13 -25.49
C PHE A 65 18.92 9.66 -25.61
N SER A 66 18.63 8.92 -24.54
CA SER A 66 18.82 7.48 -24.50
C SER A 66 17.62 7.00 -23.71
N ILE A 67 16.70 6.32 -24.39
CA ILE A 67 15.49 5.80 -23.75
C ILE A 67 15.56 4.28 -23.77
N ILE A 68 15.43 3.70 -22.59
CA ILE A 68 15.54 2.25 -22.43
C ILE A 68 14.33 1.60 -21.80
N SER A 69 13.82 0.57 -22.48
CA SER A 69 12.69 -0.19 -21.96
C SER A 69 13.28 -1.54 -21.59
N GLY A 70 13.37 -1.82 -20.29
CA GLY A 70 13.94 -3.07 -19.86
C GLY A 70 15.41 -3.08 -20.25
N THR A 71 15.72 -3.72 -21.38
CA THR A 71 17.08 -3.80 -21.86
C THR A 71 17.21 -3.28 -23.29
N ALA A 72 16.10 -2.83 -23.86
CA ALA A 72 16.09 -2.33 -25.23
C ALA A 72 16.09 -0.81 -25.33
N PHE A 73 16.79 -0.30 -26.34
CA PHE A 73 16.87 1.13 -26.61
C PHE A 73 15.78 1.54 -27.59
N LEU A 74 15.12 2.65 -27.32
CA LEU A 74 14.07 3.15 -28.21
C LEU A 74 14.62 4.27 -29.08
N GLY A 75 14.20 4.29 -30.34
CA GLY A 75 14.65 5.32 -31.26
C GLY A 75 13.84 6.59 -31.12
N VAL A 76 14.52 7.70 -30.85
CA VAL A 76 13.87 8.99 -30.68
C VAL A 76 13.72 9.72 -32.01
N VAL A 77 12.50 10.11 -32.36
CA VAL A 77 12.27 10.81 -33.62
C VAL A 77 11.79 12.24 -33.45
N GLY A 78 11.39 12.60 -32.24
CA GLY A 78 10.93 13.96 -32.00
C GLY A 78 10.62 14.21 -30.54
N ALA A 79 10.47 15.48 -30.18
CA ALA A 79 10.18 15.82 -28.79
C ALA A 79 9.65 17.24 -28.68
N THR A 80 8.54 17.39 -27.96
CA THR A 80 7.92 18.69 -27.76
C THR A 80 7.71 18.94 -26.27
N MET A 81 7.63 20.22 -25.90
CA MET A 81 7.46 20.61 -24.51
C MET A 81 6.03 21.10 -24.24
N HIS A 82 5.39 20.52 -23.24
CA HIS A 82 4.03 20.88 -22.86
C HIS A 82 4.02 21.15 -21.38
N GLY A 83 3.97 22.42 -20.99
CA GLY A 83 4.00 22.75 -19.59
C GLY A 83 5.32 22.26 -19.03
N VAL A 84 5.27 21.54 -17.92
CA VAL A 84 6.48 21.03 -17.30
C VAL A 84 6.78 19.60 -17.72
N THR A 85 6.26 19.20 -18.87
CA THR A 85 6.50 17.86 -19.34
C THR A 85 7.05 17.81 -20.76
N LEU A 86 7.69 16.70 -21.08
CA LEU A 86 8.25 16.50 -22.39
C LEU A 86 7.52 15.31 -22.98
N LYS A 87 7.13 15.43 -24.25
CA LYS A 87 6.47 14.34 -24.95
C LYS A 87 7.47 13.94 -26.03
N ILE A 88 8.09 12.79 -25.83
CA ILE A 88 9.10 12.28 -26.75
C ILE A 88 8.52 11.23 -27.68
N LYS A 89 8.56 11.49 -28.97
CA LYS A 89 8.03 10.54 -29.95
C LYS A 89 9.14 9.54 -30.28
N VAL A 90 8.84 8.26 -30.16
CA VAL A 90 9.79 7.22 -30.46
C VAL A 90 9.36 6.46 -31.71
N SER A 91 10.28 5.68 -32.29
CA SER A 91 9.99 4.97 -33.52
C SER A 91 9.16 3.68 -33.39
N GLN A 92 8.81 3.30 -32.17
CA GLN A 92 8.02 2.08 -31.98
C GLN A 92 6.90 2.27 -30.97
N THR A 93 5.81 1.54 -31.18
CA THR A 93 4.66 1.61 -30.28
C THR A 93 4.81 0.59 -29.16
N ASN A 94 4.44 0.98 -27.95
CA ASN A 94 4.52 0.09 -26.81
C ASN A 94 3.39 -0.94 -26.94
N MET A 95 3.76 -2.16 -27.29
CA MET A 95 2.79 -3.25 -27.47
C MET A 95 1.99 -3.56 -26.20
N HIS A 96 2.48 -3.08 -25.07
CA HIS A 96 1.81 -3.32 -23.79
C HIS A 96 1.00 -2.12 -23.30
N THR A 97 0.81 -1.14 -24.17
CA THR A 97 0.03 0.04 -23.82
C THR A 97 -1.36 -0.41 -23.41
N PRO A 98 -1.79 -0.04 -22.19
CA PRO A 98 -3.12 -0.46 -21.74
C PRO A 98 -4.20 0.53 -22.16
N ARG A 99 -5.45 0.12 -22.05
CA ARG A 99 -6.55 1.02 -22.37
C ARG A 99 -6.36 2.12 -21.33
N HIS A 100 -6.32 3.38 -21.77
CA HIS A 100 -6.08 4.46 -20.82
C HIS A 100 -6.67 5.80 -21.19
N SER A 101 -6.51 6.75 -20.27
CA SER A 101 -6.97 8.12 -20.45
C SER A 101 -6.16 8.95 -19.47
N PHE A 102 -6.24 10.27 -19.59
CA PHE A 102 -5.52 11.15 -18.69
C PHE A 102 -6.55 11.99 -17.96
N ARG A 103 -6.34 12.18 -16.66
CA ARG A 103 -7.25 12.95 -15.84
C ARG A 103 -6.47 13.75 -14.83
N THR A 104 -6.97 14.94 -14.50
CA THR A 104 -6.33 15.80 -13.52
C THR A 104 -7.05 15.68 -12.18
N LEU A 105 -6.28 15.36 -11.15
CA LEU A 105 -6.83 15.19 -9.81
C LEU A 105 -7.40 16.48 -9.22
N LYS A 106 -8.47 16.33 -8.46
CA LYS A 106 -9.08 17.46 -7.78
C LYS A 106 -8.63 17.35 -6.32
N SER A 107 -8.83 18.42 -5.56
CA SER A 107 -8.45 18.44 -4.15
C SER A 107 -9.01 17.27 -3.35
N GLY A 108 -8.12 16.57 -2.65
CA GLY A 108 -8.53 15.45 -1.82
C GLY A 108 -8.75 14.09 -2.45
N GLU A 109 -8.64 13.99 -3.77
CA GLU A 109 -8.89 12.70 -4.43
C GLU A 109 -7.73 11.70 -4.25
N GLY A 110 -8.07 10.42 -4.18
CA GLY A 110 -7.05 9.42 -4.02
C GLY A 110 -6.60 8.78 -5.32
N PHE A 111 -5.37 8.29 -5.33
CA PHE A 111 -4.82 7.62 -6.50
C PHE A 111 -3.68 6.71 -6.04
N ASN A 112 -2.97 6.13 -6.99
CA ASN A 112 -1.87 5.22 -6.67
C ASN A 112 -0.58 5.71 -7.32
N ILE A 113 0.53 5.55 -6.62
CA ILE A 113 1.81 5.93 -7.19
C ILE A 113 2.70 4.70 -7.31
N LEU A 114 3.32 4.55 -8.48
CA LEU A 114 4.24 3.45 -8.73
C LEU A 114 5.60 4.13 -8.65
N ALA A 115 6.29 3.96 -7.52
CA ALA A 115 7.60 4.57 -7.32
C ALA A 115 8.64 3.85 -8.17
N CYS A 116 9.21 4.57 -9.13
CA CYS A 116 10.18 4.00 -10.06
C CYS A 116 11.53 4.70 -9.96
N TYR A 117 12.59 3.99 -10.31
CA TYR A 117 13.90 4.63 -10.25
C TYR A 117 14.65 4.62 -11.60
N ASP A 118 15.54 3.66 -11.82
CA ASP A 118 16.27 3.57 -13.07
C ASP A 118 15.32 2.99 -14.16
N GLY A 119 14.09 3.48 -14.20
CA GLY A 119 13.15 2.96 -15.18
C GLY A 119 12.53 1.62 -14.77
N CYS A 120 12.59 1.32 -13.48
CA CYS A 120 12.04 0.08 -12.95
C CYS A 120 11.22 0.38 -11.69
N ALA A 121 10.03 -0.21 -11.61
CA ALA A 121 9.15 -0.02 -10.46
C ALA A 121 9.72 -0.72 -9.23
N GLN A 122 9.69 -0.03 -8.09
CA GLN A 122 10.23 -0.59 -6.85
C GLN A 122 9.17 -0.66 -5.74
N GLY A 123 8.16 0.18 -5.84
CA GLY A 123 7.11 0.18 -4.83
C GLY A 123 5.83 0.80 -5.32
N VAL A 124 4.73 0.51 -4.64
CA VAL A 124 3.43 1.05 -5.01
C VAL A 124 2.66 1.36 -3.73
N PHE A 125 1.97 2.50 -3.73
CA PHE A 125 1.21 2.87 -2.57
C PHE A 125 0.07 3.81 -2.92
N GLY A 126 -0.98 3.76 -2.11
CA GLY A 126 -2.11 4.65 -2.35
C GLY A 126 -1.84 5.94 -1.62
N VAL A 127 -2.32 7.05 -2.17
CA VAL A 127 -2.14 8.37 -1.57
C VAL A 127 -3.27 9.29 -1.98
N ASN A 128 -3.39 10.42 -1.31
CA ASN A 128 -4.43 11.38 -1.64
C ASN A 128 -3.78 12.72 -1.96
N MET A 129 -4.37 13.45 -2.90
CA MET A 129 -3.90 14.78 -3.25
C MET A 129 -4.44 15.63 -2.12
N ARG A 130 -3.55 16.28 -1.38
CA ARG A 130 -3.99 17.11 -0.26
C ARG A 130 -4.55 18.45 -0.71
N THR A 131 -5.25 19.14 0.19
CA THR A 131 -5.85 20.42 -0.16
C THR A 131 -4.82 21.48 -0.56
N ASN A 132 -3.58 21.30 -0.13
CA ASN A 132 -2.53 22.26 -0.49
C ASN A 132 -1.78 21.79 -1.74
N TRP A 133 -2.36 20.82 -2.42
CA TRP A 133 -1.83 20.26 -3.67
C TRP A 133 -0.48 19.57 -3.63
N THR A 134 -0.16 18.94 -2.51
CA THR A 134 1.07 18.20 -2.36
C THR A 134 0.65 16.82 -1.87
N ILE A 135 1.56 15.85 -1.93
CA ILE A 135 1.24 14.52 -1.42
C ILE A 135 2.33 14.14 -0.44
N ARG A 136 1.97 13.32 0.54
CA ARG A 136 2.89 12.85 1.55
C ARG A 136 3.40 11.51 1.06
N GLY A 137 4.36 11.54 0.14
CA GLY A 137 4.89 10.30 -0.39
C GLY A 137 6.19 9.87 0.26
N SER A 138 6.88 8.95 -0.40
CA SER A 138 8.15 8.47 0.08
C SER A 138 8.99 8.24 -1.17
N PHE A 139 10.01 9.06 -1.34
CA PHE A 139 10.86 8.99 -2.52
C PHE A 139 12.30 9.34 -2.16
N ILE A 140 13.21 8.92 -3.01
CA ILE A 140 14.61 9.27 -2.86
C ILE A 140 15.00 9.74 -4.26
N ASN A 141 16.17 10.34 -4.41
CA ASN A 141 16.56 10.83 -5.71
C ASN A 141 16.45 9.76 -6.79
N GLY A 142 15.97 10.18 -7.96
CA GLY A 142 15.82 9.26 -9.07
C GLY A 142 14.37 8.87 -9.32
N ALA A 143 13.47 9.31 -8.44
CA ALA A 143 12.05 8.97 -8.58
C ALA A 143 11.28 9.88 -9.55
N CYS A 144 11.92 10.94 -10.03
CA CYS A 144 11.23 11.83 -10.96
C CYS A 144 10.68 11.07 -12.17
N GLY A 145 9.44 11.38 -12.53
CA GLY A 145 8.82 10.71 -13.64
C GLY A 145 7.93 9.54 -13.21
N SER A 146 7.98 9.16 -11.93
CA SER A 146 7.15 8.06 -11.43
C SER A 146 5.70 8.43 -11.67
N PRO A 147 4.92 7.49 -12.22
CA PRO A 147 3.51 7.77 -12.50
C PRO A 147 2.51 7.49 -11.39
N GLY A 148 1.44 8.27 -11.40
CA GLY A 148 0.36 8.13 -10.46
C GLY A 148 -0.81 7.70 -11.33
N TYR A 149 -1.61 6.75 -10.85
CA TYR A 149 -2.72 6.22 -11.63
C TYR A 149 -3.90 5.75 -10.80
N ASN A 150 -4.99 5.47 -11.50
CA ASN A 150 -6.21 4.94 -10.92
C ASN A 150 -6.79 3.97 -11.94
N LEU A 151 -7.30 2.84 -11.46
CA LEU A 151 -7.90 1.87 -12.36
C LEU A 151 -9.41 2.05 -12.25
N LYS A 152 -10.09 2.09 -13.38
CA LYS A 152 -11.53 2.28 -13.35
C LYS A 152 -12.18 1.92 -14.67
N ASN A 153 -13.30 1.21 -14.58
CA ASN A 153 -14.06 0.81 -15.76
C ASN A 153 -13.22 0.11 -16.84
N GLY A 154 -12.26 -0.70 -16.41
CA GLY A 154 -11.44 -1.43 -17.36
C GLY A 154 -10.34 -0.64 -18.05
N GLU A 155 -10.01 0.54 -17.51
CA GLU A 155 -8.94 1.33 -18.10
C GLU A 155 -8.08 1.99 -17.04
N VAL A 156 -6.90 2.43 -17.45
CA VAL A 156 -5.95 3.07 -16.54
C VAL A 156 -6.00 4.58 -16.75
N GLU A 157 -6.30 5.32 -15.68
CA GLU A 157 -6.33 6.78 -15.75
C GLU A 157 -5.00 7.26 -15.20
N PHE A 158 -4.20 7.93 -16.03
CA PHE A 158 -2.92 8.46 -15.59
C PHE A 158 -3.17 9.89 -15.11
N VAL A 159 -2.84 10.13 -13.84
CA VAL A 159 -3.11 11.40 -13.21
C VAL A 159 -1.96 12.15 -12.56
N TYR A 160 -0.78 11.54 -12.49
CA TYR A 160 0.33 12.20 -11.82
C TYR A 160 1.69 11.77 -12.34
N MET A 161 2.58 12.74 -12.48
CA MET A 161 3.96 12.49 -12.91
C MET A 161 4.79 13.16 -11.83
N HIS A 162 5.63 12.40 -11.13
CA HIS A 162 6.42 13.00 -10.07
C HIS A 162 7.44 14.01 -10.57
N GLN A 163 7.47 15.19 -9.91
CA GLN A 163 8.36 16.27 -10.32
C GLN A 163 9.35 16.80 -9.30
N ILE A 164 8.86 17.11 -8.10
CA ILE A 164 9.73 17.69 -7.08
C ILE A 164 9.42 17.36 -5.63
N GLU A 165 10.36 17.74 -4.76
CA GLU A 165 10.22 17.56 -3.33
C GLU A 165 10.50 18.93 -2.72
N LEU A 166 9.58 19.41 -1.89
CA LEU A 166 9.74 20.73 -1.26
C LEU A 166 10.63 20.63 -0.02
N GLY A 167 11.08 21.79 0.46
CA GLY A 167 11.94 21.82 1.64
C GLY A 167 11.32 21.14 2.85
N SER A 168 10.00 21.07 2.87
CA SER A 168 9.27 20.45 3.96
C SER A 168 9.21 18.93 3.81
N GLY A 169 9.59 18.45 2.63
CA GLY A 169 9.55 17.01 2.38
C GLY A 169 8.31 16.62 1.61
N SER A 170 7.39 17.56 1.44
CA SER A 170 6.16 17.30 0.69
C SER A 170 6.50 17.08 -0.77
N HIS A 171 5.70 16.27 -1.45
CA HIS A 171 5.96 15.96 -2.85
C HIS A 171 4.96 16.58 -3.80
N VAL A 172 5.47 17.02 -4.94
CA VAL A 172 4.66 17.65 -5.96
C VAL A 172 4.90 17.05 -7.34
N GLY A 173 3.84 16.92 -8.10
CA GLY A 173 3.94 16.37 -9.44
C GLY A 173 3.08 17.18 -10.39
N SER A 174 2.92 16.69 -11.61
CA SER A 174 2.11 17.40 -12.59
C SER A 174 1.15 16.42 -13.24
N SER A 175 0.20 16.94 -14.01
CA SER A 175 -0.71 16.06 -14.72
C SER A 175 0.06 15.70 -15.98
N PHE A 176 -0.43 14.76 -16.78
CA PHE A 176 0.27 14.42 -17.99
C PHE A 176 0.06 15.48 -19.08
N ASP A 177 -0.72 16.51 -18.73
CA ASP A 177 -0.97 17.61 -19.65
C ASP A 177 0.15 18.63 -19.45
N GLY A 178 0.95 18.43 -18.40
CA GLY A 178 2.05 19.34 -18.15
C GLY A 178 1.74 20.43 -17.14
N VAL A 179 0.62 20.31 -16.46
CA VAL A 179 0.25 21.31 -15.46
C VAL A 179 0.70 20.82 -14.08
N MET A 180 1.55 21.60 -13.43
CA MET A 180 2.04 21.21 -12.11
C MET A 180 0.92 21.43 -11.10
N TYR A 181 0.69 20.46 -10.23
CA TYR A 181 -0.34 20.60 -9.22
C TYR A 181 0.09 21.72 -8.26
N GLY A 182 -0.87 22.53 -7.83
CA GLY A 182 -0.55 23.61 -6.91
C GLY A 182 0.12 24.82 -7.53
N GLY A 183 0.51 24.73 -8.80
CA GLY A 183 1.16 25.85 -9.46
C GLY A 183 2.63 26.00 -9.10
N PHE A 184 3.19 24.98 -8.46
CA PHE A 184 4.61 25.00 -8.08
C PHE A 184 5.44 25.00 -9.35
N GLU A 185 6.67 25.51 -9.28
CA GLU A 185 7.53 25.56 -10.46
C GLU A 185 8.67 24.55 -10.40
N ASP A 186 9.11 24.09 -11.57
CA ASP A 186 10.23 23.15 -11.62
C ASP A 186 11.51 23.99 -11.70
N GLN A 187 11.70 24.78 -10.65
CA GLN A 187 12.85 25.67 -10.51
C GLN A 187 13.53 25.38 -9.17
N PRO A 188 14.81 25.74 -9.05
CA PRO A 188 15.62 25.53 -7.84
C PRO A 188 15.33 26.41 -6.63
N ASN A 189 14.72 27.57 -6.84
CA ASN A 189 14.45 28.47 -5.72
C ASN A 189 13.48 27.86 -4.73
N LEU A 190 13.57 28.28 -3.47
CA LEU A 190 12.72 27.79 -2.40
C LEU A 190 11.24 28.09 -2.68
N GLN A 191 10.39 27.11 -2.42
CA GLN A 191 8.95 27.25 -2.60
C GLN A 191 8.27 26.66 -1.37
N VAL A 192 7.22 27.31 -0.89
CA VAL A 192 6.51 26.83 0.29
C VAL A 192 5.04 26.53 -0.01
N GLU A 193 4.55 25.43 0.55
CA GLU A 193 3.17 25.02 0.35
C GLU A 193 2.24 25.70 1.37
N SER A 194 0.95 25.69 1.08
CA SER A 194 -0.03 26.29 1.99
C SER A 194 -0.35 25.31 3.11
N ALA A 195 -1.11 25.77 4.10
CA ALA A 195 -1.50 24.94 5.21
C ALA A 195 -2.45 23.86 4.71
N ASN A 196 -2.29 22.65 5.21
CA ASN A 196 -3.14 21.53 4.81
C ASN A 196 -4.39 21.51 5.68
N GLN A 197 -5.46 20.92 5.17
CA GLN A 197 -6.72 20.81 5.92
C GLN A 197 -7.13 19.35 5.98
N MET A 198 -7.81 18.97 7.07
CA MET A 198 -8.30 17.61 7.22
C MET A 198 -9.48 17.47 6.28
N LEU A 199 -9.50 16.39 5.49
CA LEU A 199 -10.59 16.13 4.54
C LEU A 199 -11.79 15.52 5.28
N THR A 200 -12.75 16.37 5.61
CA THR A 200 -13.95 15.93 6.32
C THR A 200 -14.64 14.71 5.73
N VAL A 201 -14.91 14.74 4.42
CA VAL A 201 -15.58 13.61 3.78
C VAL A 201 -14.90 12.27 4.07
N ASN A 202 -13.57 12.28 4.12
CA ASN A 202 -12.82 11.06 4.39
C ASN A 202 -12.92 10.65 5.87
N VAL A 203 -12.93 11.63 6.76
CA VAL A 203 -13.04 11.33 8.18
C VAL A 203 -14.40 10.69 8.44
N VAL A 204 -15.43 11.21 7.79
CA VAL A 204 -16.77 10.65 7.93
C VAL A 204 -16.77 9.20 7.46
N ALA A 205 -16.14 8.94 6.31
CA ALA A 205 -16.07 7.60 5.77
C ALA A 205 -15.33 6.68 6.74
N PHE A 206 -14.28 7.21 7.36
CA PHE A 206 -13.49 6.46 8.34
C PHE A 206 -14.36 6.03 9.51
N LEU A 207 -15.18 6.94 10.02
CA LEU A 207 -16.06 6.63 11.13
C LEU A 207 -17.11 5.57 10.75
N TYR A 208 -17.57 5.61 9.50
CA TYR A 208 -18.55 4.61 9.05
C TYR A 208 -17.90 3.24 9.03
N ALA A 209 -16.63 3.18 8.63
CA ALA A 209 -15.91 1.92 8.61
C ALA A 209 -15.72 1.41 10.02
N ALA A 210 -15.59 2.33 10.96
CA ALA A 210 -15.41 1.96 12.37
C ALA A 210 -16.67 1.24 12.84
N ILE A 211 -17.82 1.83 12.53
CA ILE A 211 -19.10 1.23 12.92
C ILE A 211 -19.27 -0.14 12.30
N LEU A 212 -19.01 -0.26 11.00
CA LEU A 212 -19.13 -1.52 10.29
C LEU A 212 -18.29 -2.59 10.96
N ASN A 213 -17.27 -2.17 11.71
CA ASN A 213 -16.45 -3.10 12.46
C ASN A 213 -16.95 -2.87 13.88
N GLY A 214 -16.49 -3.65 14.85
CA GLY A 214 -16.99 -3.46 16.21
C GLY A 214 -16.52 -2.26 17.01
N CYS A 215 -16.25 -1.13 16.37
CA CYS A 215 -15.74 0.03 17.10
C CYS A 215 -16.70 1.22 17.12
N THR A 216 -17.47 1.36 18.20
CA THR A 216 -18.43 2.45 18.32
C THR A 216 -18.49 3.11 19.70
N TRP A 217 -17.44 2.95 20.50
CA TRP A 217 -17.42 3.54 21.84
C TRP A 217 -17.60 5.05 21.80
N TRP A 218 -17.23 5.64 20.68
CA TRP A 218 -17.29 7.09 20.46
C TRP A 218 -18.63 7.61 19.92
N LEU A 219 -19.47 6.70 19.44
CA LEU A 219 -20.75 7.07 18.85
C LEU A 219 -21.80 7.57 19.85
N LYS A 220 -22.23 8.81 19.67
CA LYS A 220 -23.24 9.42 20.53
C LYS A 220 -24.53 9.67 19.75
N GLY A 221 -25.53 10.26 20.40
CA GLY A 221 -26.79 10.51 19.73
C GLY A 221 -27.04 11.90 19.18
N GLU A 222 -26.25 12.88 19.61
CA GLU A 222 -26.42 14.25 19.14
C GLU A 222 -26.17 14.42 17.63
N LYS A 223 -26.98 15.27 17.01
CA LYS A 223 -26.84 15.54 15.58
C LYS A 223 -26.34 16.97 15.35
N LEU A 224 -25.25 17.10 14.59
CA LEU A 224 -24.70 18.41 14.27
C LEU A 224 -24.99 18.69 12.80
N PHE A 225 -25.83 19.68 12.54
CA PHE A 225 -26.20 20.04 11.17
C PHE A 225 -25.02 20.49 10.32
N VAL A 226 -25.06 20.13 9.04
CA VAL A 226 -24.00 20.47 8.09
C VAL A 226 -23.63 21.94 8.16
N GLU A 227 -24.64 22.80 8.15
CA GLU A 227 -24.43 24.25 8.19
C GLU A 227 -23.58 24.65 9.40
N HIS A 228 -23.94 24.13 10.57
CA HIS A 228 -23.21 24.44 11.79
C HIS A 228 -21.82 23.84 11.76
N TYR A 229 -21.70 22.63 11.24
CA TYR A 229 -20.41 21.97 11.17
C TYR A 229 -19.42 22.74 10.29
N ASN A 230 -19.87 23.17 9.12
CA ASN A 230 -18.99 23.91 8.22
C ASN A 230 -18.48 25.20 8.84
N GLU A 231 -19.25 25.75 9.78
CA GLU A 231 -18.84 26.97 10.46
C GLU A 231 -17.64 26.64 11.35
N TRP A 232 -17.73 25.51 12.03
CA TRP A 232 -16.67 25.04 12.91
C TRP A 232 -15.44 24.59 12.13
N ALA A 233 -15.68 23.94 11.00
CA ALA A 233 -14.60 23.42 10.15
C ALA A 233 -13.66 24.52 9.66
N GLN A 234 -14.24 25.58 9.10
CA GLN A 234 -13.46 26.70 8.58
C GLN A 234 -12.51 27.30 9.61
N ALA A 235 -12.86 27.20 10.88
CA ALA A 235 -12.04 27.76 11.94
C ALA A 235 -11.18 26.74 12.66
N ASN A 236 -11.25 25.48 12.24
CA ASN A 236 -10.45 24.44 12.90
C ASN A 236 -9.61 23.56 11.99
N GLY A 237 -9.38 24.02 10.76
CA GLY A 237 -8.54 23.26 9.84
C GLY A 237 -9.14 22.04 9.17
N PHE A 238 -10.45 22.06 8.98
CA PHE A 238 -11.14 20.95 8.33
C PHE A 238 -11.84 21.49 7.10
N THR A 239 -12.03 20.64 6.10
CA THR A 239 -12.72 21.08 4.89
C THR A 239 -14.21 21.06 5.17
N ALA A 240 -14.99 21.70 4.31
CA ALA A 240 -16.44 21.72 4.48
C ALA A 240 -17.02 20.38 4.08
N MET A 241 -18.15 20.03 4.68
CA MET A 241 -18.83 18.78 4.38
C MET A 241 -19.57 18.97 3.06
N ASN A 242 -19.48 17.96 2.20
CA ASN A 242 -20.13 18.02 0.89
C ASN A 242 -20.52 16.61 0.43
N GLY A 243 -21.48 16.53 -0.48
CA GLY A 243 -21.93 15.25 -1.00
C GLY A 243 -22.46 14.31 0.07
N GLU A 244 -23.30 14.83 0.96
CA GLU A 244 -23.88 14.03 2.03
C GLU A 244 -24.68 12.86 1.44
N ASP A 245 -25.27 13.09 0.28
CA ASP A 245 -26.06 12.08 -0.41
C ASP A 245 -25.23 10.85 -0.73
N ALA A 246 -23.96 11.07 -1.05
CA ALA A 246 -23.05 9.97 -1.39
C ALA A 246 -22.96 8.93 -0.27
N PHE A 247 -23.08 9.39 0.97
CA PHE A 247 -22.99 8.51 2.14
C PHE A 247 -24.26 7.70 2.41
N SER A 248 -25.23 7.78 1.51
CA SER A 248 -26.49 7.06 1.68
C SER A 248 -26.33 5.57 1.98
N ILE A 249 -25.52 4.89 1.17
CA ILE A 249 -25.31 3.45 1.36
C ILE A 249 -24.73 3.11 2.74
N LEU A 250 -23.76 3.88 3.19
CA LEU A 250 -23.13 3.62 4.49
C LEU A 250 -24.10 3.95 5.63
N ALA A 251 -24.82 5.05 5.49
CA ALA A 251 -25.78 5.46 6.51
C ALA A 251 -26.90 4.42 6.61
N ALA A 252 -27.37 3.92 5.48
CA ALA A 252 -28.44 2.94 5.47
C ALA A 252 -28.00 1.63 6.11
N LYS A 253 -26.77 1.23 5.84
CA LYS A 253 -26.23 -0.01 6.37
C LYS A 253 -25.96 0.05 7.87
N THR A 254 -25.51 1.21 8.36
CA THR A 254 -25.21 1.36 9.77
C THR A 254 -26.35 1.95 10.59
N GLY A 255 -27.28 2.64 9.93
CA GLY A 255 -28.40 3.23 10.64
C GLY A 255 -27.97 4.52 11.32
N VAL A 256 -26.78 5.00 10.97
CA VAL A 256 -26.25 6.21 11.55
C VAL A 256 -26.11 7.30 10.48
N CYS A 257 -26.76 8.44 10.72
CA CYS A 257 -26.74 9.55 9.79
C CYS A 257 -25.45 10.36 9.87
N VAL A 258 -25.16 11.07 8.78
CA VAL A 258 -23.95 11.90 8.70
C VAL A 258 -23.88 12.94 9.81
N GLU A 259 -25.02 13.53 10.15
CA GLU A 259 -25.07 14.55 11.20
C GLU A 259 -24.48 14.09 12.51
N ARG A 260 -24.70 12.83 12.87
CA ARG A 260 -24.17 12.31 14.12
C ARG A 260 -22.65 12.14 14.02
N LEU A 261 -22.15 11.85 12.81
CA LEU A 261 -20.73 11.70 12.61
C LEU A 261 -20.03 13.06 12.60
N LEU A 262 -20.73 14.10 12.13
CA LEU A 262 -20.13 15.43 12.11
C LEU A 262 -19.95 15.88 13.56
N HIS A 263 -20.89 15.50 14.42
CA HIS A 263 -20.82 15.84 15.83
C HIS A 263 -19.64 15.08 16.44
N ALA A 264 -19.47 13.83 16.03
CA ALA A 264 -18.38 13.01 16.55
C ALA A 264 -17.03 13.63 16.16
N ILE A 265 -16.94 14.13 14.93
CA ILE A 265 -15.71 14.75 14.47
C ILE A 265 -15.33 15.91 15.38
N GLN A 266 -16.27 16.82 15.57
CA GLN A 266 -16.05 18.00 16.40
C GLN A 266 -15.59 17.61 17.81
N VAL A 267 -16.07 16.49 18.30
CA VAL A 267 -15.71 16.03 19.64
C VAL A 267 -14.38 15.29 19.67
N LEU A 268 -14.21 14.33 18.76
CA LEU A 268 -12.98 13.55 18.72
C LEU A 268 -11.76 14.36 18.33
N ASN A 269 -11.97 15.54 17.76
CA ASN A 269 -10.86 16.39 17.37
C ASN A 269 -10.08 16.84 18.60
N ASN A 270 -10.76 16.86 19.75
CA ASN A 270 -10.15 17.27 21.01
C ASN A 270 -9.26 16.18 21.58
N GLY A 271 -9.27 15.01 20.95
CA GLY A 271 -8.45 13.90 21.42
C GLY A 271 -9.26 12.65 21.69
N PHE A 272 -8.62 11.50 21.60
CA PHE A 272 -9.27 10.21 21.84
C PHE A 272 -9.19 9.81 23.31
N GLY A 273 -8.27 10.42 24.05
CA GLY A 273 -8.13 10.11 25.46
C GLY A 273 -7.71 8.69 25.81
N GLY A 274 -6.63 8.22 25.20
CA GLY A 274 -6.15 6.89 25.49
C GLY A 274 -6.79 5.79 24.66
N LYS A 275 -7.99 6.05 24.14
CA LYS A 275 -8.69 5.06 23.32
C LYS A 275 -8.27 5.12 21.87
N GLN A 276 -8.62 4.08 21.10
CA GLN A 276 -8.28 4.01 19.69
C GLN A 276 -9.53 3.69 18.87
N ILE A 277 -9.49 4.05 17.59
CA ILE A 277 -10.58 3.76 16.67
C ILE A 277 -9.92 3.05 15.50
N LEU A 278 -10.20 1.75 15.37
CA LEU A 278 -9.62 0.93 14.31
C LEU A 278 -8.10 0.92 14.39
N GLY A 279 -7.57 1.09 15.59
CA GLY A 279 -6.12 1.09 15.78
C GLY A 279 -5.47 2.46 15.77
N TYR A 280 -6.23 3.50 15.43
CA TYR A 280 -5.69 4.86 15.40
C TYR A 280 -5.95 5.64 16.68
N SER A 281 -5.04 6.56 16.98
CA SER A 281 -5.16 7.38 18.19
C SER A 281 -5.63 8.80 17.89
N SER A 282 -6.00 9.05 16.64
CA SER A 282 -6.48 10.37 16.22
C SER A 282 -7.27 10.21 14.92
N LEU A 283 -8.10 11.19 14.61
CA LEU A 283 -8.90 11.14 13.39
C LEU A 283 -8.05 10.86 12.15
N ASN A 284 -8.58 10.06 11.24
CA ASN A 284 -7.88 9.69 10.01
C ASN A 284 -8.68 10.15 8.80
N ASP A 285 -8.01 10.84 7.87
CA ASP A 285 -8.68 11.32 6.67
C ASP A 285 -8.06 10.74 5.39
N GLU A 286 -7.42 9.58 5.52
CA GLU A 286 -6.78 8.93 4.38
C GLU A 286 -7.70 8.06 3.54
N PHE A 287 -8.85 7.67 4.08
CA PHE A 287 -9.78 6.81 3.34
C PHE A 287 -11.02 7.54 2.82
N SER A 288 -11.28 7.36 1.52
CA SER A 288 -12.44 8.00 0.88
C SER A 288 -13.67 7.10 0.97
N ILE A 289 -14.83 7.66 0.60
CA ILE A 289 -16.07 6.90 0.61
C ILE A 289 -15.89 5.68 -0.31
N ASN A 290 -15.24 5.90 -1.45
CA ASN A 290 -15.00 4.85 -2.43
C ASN A 290 -14.24 3.68 -1.82
N GLU A 291 -13.14 3.97 -1.14
CA GLU A 291 -12.33 2.93 -0.52
C GLU A 291 -13.10 2.14 0.54
N VAL A 292 -13.81 2.85 1.41
CA VAL A 292 -14.56 2.19 2.46
C VAL A 292 -15.66 1.28 1.91
N VAL A 293 -16.47 1.80 0.98
CA VAL A 293 -17.54 0.99 0.42
C VAL A 293 -17.01 -0.22 -0.34
N LYS A 294 -15.86 -0.06 -0.99
CA LYS A 294 -15.26 -1.16 -1.74
C LYS A 294 -14.73 -2.23 -0.79
N GLN A 295 -14.06 -1.80 0.28
CA GLN A 295 -13.51 -2.74 1.26
C GLN A 295 -14.55 -3.34 2.20
N MET A 296 -15.66 -2.64 2.39
CA MET A 296 -16.71 -3.12 3.28
C MET A 296 -17.74 -3.98 2.56
N PHE A 297 -18.13 -3.56 1.36
CA PHE A 297 -19.16 -4.28 0.60
C PHE A 297 -18.75 -4.83 -0.75
N GLY A 298 -17.54 -4.51 -1.20
CA GLY A 298 -17.09 -5.01 -2.49
C GLY A 298 -17.81 -4.33 -3.65
N VAL A 299 -18.30 -3.13 -3.40
CA VAL A 299 -19.01 -2.37 -4.43
C VAL A 299 -18.15 -1.20 -4.91
N ASN A 300 -18.16 -0.97 -6.23
CA ASN A 300 -17.37 0.12 -6.79
C ASN A 300 -18.23 1.34 -7.09
N ALA B 1 12.89 11.87 0.70
CA ALA B 1 12.32 12.05 2.06
C ALA B 1 10.94 11.42 2.16
N GLY B 2 10.50 11.18 3.38
CA GLY B 2 9.19 10.57 3.60
C GLY B 2 9.28 9.10 3.96
N LEU B 3 8.25 8.60 4.65
CA LEU B 3 8.18 7.21 5.05
C LEU B 3 6.71 6.85 5.00
N ARG B 4 6.34 5.92 4.12
CA ARG B 4 4.95 5.53 3.98
C ARG B 4 4.84 4.04 3.75
N LYS B 5 3.77 3.43 4.26
CA LYS B 5 3.58 2.00 4.08
C LYS B 5 3.48 1.76 2.58
N MET B 6 4.35 0.89 2.09
CA MET B 6 4.43 0.60 0.66
C MET B 6 4.34 -0.90 0.40
N ALA B 7 3.96 -1.26 -0.82
CA ALA B 7 3.88 -2.65 -1.22
C ALA B 7 4.84 -2.78 -2.39
N GLN B 8 5.39 -3.98 -2.59
CA GLN B 8 6.28 -4.22 -3.71
C GLN B 8 5.34 -4.42 -4.90
N PRO B 9 5.78 -4.07 -6.11
CA PRO B 9 4.95 -4.20 -7.32
C PRO B 9 4.34 -5.59 -7.45
N SER B 10 3.09 -5.64 -7.93
CA SER B 10 2.33 -6.88 -8.06
C SER B 10 2.31 -7.56 -9.42
N GLY B 11 2.88 -6.91 -10.43
CA GLY B 11 2.89 -7.46 -11.78
C GLY B 11 3.21 -8.94 -11.93
N PHE B 12 4.35 -9.37 -11.40
CA PHE B 12 4.72 -10.78 -11.50
C PHE B 12 3.68 -11.73 -10.93
N VAL B 13 3.12 -11.38 -9.78
CA VAL B 13 2.14 -12.22 -9.11
C VAL B 13 0.76 -12.26 -9.78
N GLU B 14 0.31 -11.11 -10.29
CA GLU B 14 -1.01 -11.03 -10.93
C GLU B 14 -1.20 -12.07 -12.02
N LYS B 15 -0.16 -12.33 -12.79
CA LYS B 15 -0.25 -13.28 -13.88
C LYS B 15 -0.33 -14.73 -13.42
N CYS B 16 -0.30 -14.95 -12.11
CA CYS B 16 -0.36 -16.30 -11.56
C CYS B 16 -1.69 -16.61 -10.85
N VAL B 17 -2.53 -15.61 -10.70
CA VAL B 17 -3.82 -15.80 -10.03
C VAL B 17 -4.87 -16.39 -10.96
N VAL B 18 -5.58 -17.39 -10.47
CA VAL B 18 -6.63 -18.02 -11.25
C VAL B 18 -7.89 -18.16 -10.41
N ARG B 19 -9.01 -18.41 -11.07
CA ARG B 19 -10.28 -18.59 -10.40
C ARG B 19 -10.50 -20.09 -10.26
N VAL B 20 -10.62 -20.55 -9.03
CA VAL B 20 -10.84 -21.98 -8.77
C VAL B 20 -12.25 -22.20 -8.24
N CYS B 21 -13.00 -23.04 -8.96
CA CYS B 21 -14.35 -23.34 -8.57
C CYS B 21 -14.57 -24.84 -8.44
N TYR B 22 -15.22 -25.25 -7.35
CA TYR B 22 -15.55 -26.64 -7.14
C TYR B 22 -17.01 -26.62 -6.71
N GLY B 23 -17.87 -27.16 -7.57
CA GLY B 23 -19.28 -27.15 -7.25
C GLY B 23 -19.78 -25.72 -7.23
N ASN B 24 -20.26 -25.27 -6.07
CA ASN B 24 -20.78 -23.92 -5.93
C ASN B 24 -19.79 -22.98 -5.23
N THR B 25 -18.66 -23.52 -4.78
CA THR B 25 -17.65 -22.73 -4.08
C THR B 25 -16.61 -22.13 -5.02
N VAL B 26 -16.40 -20.82 -4.91
CA VAL B 26 -15.45 -20.13 -5.76
C VAL B 26 -14.42 -19.36 -4.94
N LEU B 27 -13.15 -19.57 -5.23
CA LEU B 27 -12.09 -18.87 -4.55
C LEU B 27 -10.88 -18.72 -5.47
N ASN B 28 -9.78 -18.22 -4.93
CA ASN B 28 -8.59 -17.98 -5.72
C ASN B 28 -7.54 -19.06 -5.62
N GLY B 29 -6.79 -19.23 -6.72
CA GLY B 29 -5.73 -20.22 -6.75
C GLY B 29 -4.49 -19.56 -7.32
N LEU B 30 -3.33 -20.16 -7.07
CA LEU B 30 -2.07 -19.65 -7.57
C LEU B 30 -1.53 -20.71 -8.52
N TRP B 31 -1.36 -20.32 -9.78
CA TRP B 31 -0.88 -21.21 -10.84
C TRP B 31 0.61 -21.01 -11.11
N LEU B 32 1.41 -21.98 -10.71
CA LEU B 32 2.85 -21.95 -10.92
C LEU B 32 3.25 -23.27 -11.58
N GLY B 33 3.97 -23.19 -12.70
CA GLY B 33 4.31 -24.41 -13.39
C GLY B 33 3.00 -25.07 -13.82
N ASP B 34 2.85 -26.36 -13.57
CA ASP B 34 1.62 -27.05 -13.94
C ASP B 34 0.81 -27.39 -12.69
N ILE B 35 0.97 -26.57 -11.66
CA ILE B 35 0.24 -26.79 -10.43
C ILE B 35 -0.53 -25.55 -10.00
N VAL B 36 -1.75 -25.76 -9.52
CA VAL B 36 -2.58 -24.67 -9.02
C VAL B 36 -2.76 -24.92 -7.53
N TYR B 37 -2.29 -23.99 -6.71
CA TYR B 37 -2.40 -24.08 -5.26
C TYR B 37 -3.60 -23.29 -4.76
N CYS B 38 -4.37 -23.89 -3.84
CA CYS B 38 -5.51 -23.20 -3.26
C CYS B 38 -5.91 -23.85 -1.94
N PRO B 39 -6.74 -23.16 -1.15
CA PRO B 39 -7.18 -23.69 0.15
C PRO B 39 -7.98 -24.96 -0.06
N ARG B 40 -7.74 -25.96 0.78
CA ARG B 40 -8.44 -27.23 0.63
C ARG B 40 -9.94 -27.13 0.89
N HIS B 41 -10.39 -26.10 1.60
CA HIS B 41 -11.83 -26.01 1.86
C HIS B 41 -12.66 -25.66 0.63
N VAL B 42 -12.01 -25.61 -0.52
CA VAL B 42 -12.74 -25.33 -1.75
C VAL B 42 -13.64 -26.53 -2.02
N ILE B 43 -13.30 -27.70 -1.48
CA ILE B 43 -14.11 -28.90 -1.69
C ILE B 43 -15.01 -29.22 -0.51
N ALA B 44 -15.04 -28.36 0.50
CA ALA B 44 -15.89 -28.62 1.66
C ALA B 44 -17.34 -28.60 1.22
N SER B 45 -18.11 -29.58 1.68
CA SER B 45 -19.52 -29.68 1.33
C SER B 45 -20.39 -28.71 2.12
N ASN B 46 -19.82 -28.10 3.15
CA ASN B 46 -20.56 -27.17 3.99
C ASN B 46 -19.64 -26.15 4.64
N THR B 47 -20.23 -25.13 5.26
CA THR B 47 -19.47 -24.08 5.94
C THR B 47 -20.12 -23.72 7.28
N THR B 48 -20.74 -24.70 7.91
CA THR B 48 -21.42 -24.49 9.19
C THR B 48 -21.05 -25.55 10.23
N SER B 49 -20.62 -26.71 9.76
CA SER B 49 -20.25 -27.80 10.65
C SER B 49 -18.78 -28.16 10.51
N ALA B 50 -18.28 -28.93 11.48
CA ALA B 50 -16.89 -29.38 11.46
C ALA B 50 -16.71 -30.22 10.21
N ILE B 51 -15.61 -30.03 9.51
CA ILE B 51 -15.36 -30.78 8.28
C ILE B 51 -14.36 -31.92 8.41
N ASP B 52 -14.72 -33.07 7.89
CA ASP B 52 -13.87 -34.25 7.89
C ASP B 52 -13.22 -34.26 6.51
N TYR B 53 -12.07 -33.60 6.39
CA TYR B 53 -11.39 -33.51 5.10
C TYR B 53 -10.93 -34.85 4.51
N ASP B 54 -10.68 -35.83 5.37
CA ASP B 54 -10.27 -37.15 4.88
C ASP B 54 -11.42 -37.72 4.07
N HIS B 55 -12.63 -37.57 4.59
CA HIS B 55 -13.84 -38.04 3.94
C HIS B 55 -14.12 -37.18 2.71
N GLU B 56 -13.99 -35.87 2.89
CA GLU B 56 -14.24 -34.91 1.83
C GLU B 56 -13.35 -35.20 0.61
N TYR B 57 -12.07 -35.46 0.87
CA TYR B 57 -11.13 -35.75 -0.21
C TYR B 57 -11.43 -37.08 -0.90
N SER B 58 -11.93 -38.06 -0.14
CA SER B 58 -12.23 -39.36 -0.71
C SER B 58 -13.42 -39.33 -1.67
N ILE B 59 -14.38 -38.43 -1.43
CA ILE B 59 -15.54 -38.34 -2.30
C ILE B 59 -15.39 -37.25 -3.37
N MET B 60 -14.24 -36.58 -3.37
CA MET B 60 -13.98 -35.53 -4.35
C MET B 60 -14.04 -36.08 -5.78
N ARG B 61 -14.72 -35.36 -6.66
CA ARG B 61 -14.82 -35.75 -8.05
C ARG B 61 -14.21 -34.62 -8.88
N LEU B 62 -13.10 -34.91 -9.54
CA LEU B 62 -12.39 -33.91 -10.32
C LEU B 62 -13.20 -33.18 -11.39
N HIS B 63 -14.24 -33.81 -11.93
CA HIS B 63 -15.03 -33.13 -12.94
C HIS B 63 -15.78 -31.94 -12.36
N ASN B 64 -15.81 -31.82 -11.03
CA ASN B 64 -16.50 -30.70 -10.40
C ASN B 64 -15.65 -29.44 -10.39
N PHE B 65 -14.38 -29.58 -10.74
CA PHE B 65 -13.48 -28.44 -10.78
C PHE B 65 -13.60 -27.66 -12.07
N SER B 66 -13.39 -26.36 -11.94
CA SER B 66 -13.40 -25.44 -13.06
C SER B 66 -12.31 -24.43 -12.68
N ILE B 67 -11.27 -24.35 -13.48
CA ILE B 67 -10.19 -23.41 -13.20
C ILE B 67 -10.01 -22.50 -14.40
N ILE B 68 -10.13 -21.20 -14.18
CA ILE B 68 -10.02 -20.21 -15.24
C ILE B 68 -8.88 -19.22 -15.03
N SER B 69 -8.10 -19.00 -16.08
CA SER B 69 -7.02 -18.03 -16.05
C SER B 69 -7.39 -17.06 -17.16
N GLY B 70 -7.81 -15.86 -16.79
CA GLY B 70 -8.23 -14.91 -17.78
C GLY B 70 -9.56 -15.40 -18.32
N THR B 71 -9.55 -15.88 -19.56
CA THR B 71 -10.77 -16.39 -20.16
C THR B 71 -10.56 -17.82 -20.66
N ALA B 72 -9.46 -18.43 -20.23
CA ALA B 72 -9.15 -19.80 -20.64
C ALA B 72 -9.32 -20.80 -19.51
N PHE B 73 -9.84 -21.98 -19.84
CA PHE B 73 -10.04 -23.03 -18.85
C PHE B 73 -8.81 -23.93 -18.79
N LEU B 74 -8.46 -24.38 -17.60
CA LEU B 74 -7.33 -25.27 -17.43
C LEU B 74 -7.88 -26.69 -17.27
N GLY B 75 -7.12 -27.67 -17.75
CA GLY B 75 -7.57 -29.06 -17.65
C GLY B 75 -6.97 -29.76 -16.44
N VAL B 76 -7.84 -30.20 -15.53
CA VAL B 76 -7.37 -30.87 -14.32
C VAL B 76 -7.05 -32.34 -14.61
N VAL B 77 -5.87 -32.79 -14.18
CA VAL B 77 -5.48 -34.18 -14.39
C VAL B 77 -5.31 -34.90 -13.05
N GLY B 78 -5.16 -34.12 -11.99
CA GLY B 78 -5.01 -34.72 -10.67
C GLY B 78 -5.07 -33.68 -9.56
N ALA B 79 -5.13 -34.16 -8.32
CA ALA B 79 -5.16 -33.26 -7.17
C ALA B 79 -4.81 -34.02 -5.91
N THR B 80 -3.96 -33.41 -5.09
CA THR B 80 -3.55 -34.02 -3.83
C THR B 80 -3.72 -32.99 -2.72
N MET B 81 -3.92 -33.48 -1.51
CA MET B 81 -4.11 -32.63 -0.34
C MET B 81 -2.85 -32.59 0.51
N HIS B 82 -2.44 -31.38 0.91
CA HIS B 82 -1.26 -31.18 1.74
C HIS B 82 -1.62 -30.20 2.84
N GLY B 83 -1.80 -30.69 4.05
CA GLY B 83 -2.19 -29.82 5.14
C GLY B 83 -3.50 -29.16 4.75
N VAL B 84 -3.58 -27.83 4.86
CA VAL B 84 -4.81 -27.14 4.52
C VAL B 84 -4.82 -26.60 3.09
N THR B 85 -3.98 -27.17 2.25
CA THR B 85 -3.92 -26.74 0.86
C THR B 85 -4.15 -27.90 -0.09
N LEU B 86 -4.58 -27.57 -1.28
CA LEU B 86 -4.82 -28.56 -2.31
C LEU B 86 -3.84 -28.19 -3.42
N LYS B 87 -3.18 -29.20 -3.99
CA LYS B 87 -2.26 -28.96 -5.11
C LYS B 87 -2.95 -29.63 -6.29
N ILE B 88 -3.46 -28.82 -7.21
CA ILE B 88 -4.17 -29.31 -8.38
C ILE B 88 -3.27 -29.35 -9.60
N LYS B 89 -3.01 -30.55 -10.12
CA LYS B 89 -2.17 -30.71 -11.29
C LYS B 89 -3.02 -30.48 -12.54
N VAL B 90 -2.57 -29.60 -13.42
CA VAL B 90 -3.29 -29.33 -14.65
C VAL B 90 -2.38 -29.64 -15.84
N SER B 91 -2.97 -29.76 -17.03
CA SER B 91 -2.19 -30.05 -18.23
C SER B 91 -1.35 -28.86 -18.66
N GLN B 92 -1.87 -27.66 -18.40
CA GLN B 92 -1.21 -26.42 -18.81
C GLN B 92 -0.13 -25.89 -17.87
N THR B 93 0.96 -25.42 -18.45
CA THR B 93 2.05 -24.83 -17.68
C THR B 93 1.93 -23.32 -17.85
N ASN B 94 1.94 -22.59 -16.75
CA ASN B 94 1.83 -21.14 -16.79
C ASN B 94 3.13 -20.56 -17.37
N MET B 95 3.06 -20.09 -18.61
CA MET B 95 4.23 -19.53 -19.28
C MET B 95 4.74 -18.25 -18.58
N HIS B 96 3.91 -17.71 -17.70
CA HIS B 96 4.27 -16.50 -16.96
C HIS B 96 4.79 -16.79 -15.56
N THR B 97 5.05 -18.08 -15.27
CA THR B 97 5.58 -18.45 -13.96
C THR B 97 6.91 -17.74 -13.74
N PRO B 98 6.98 -16.88 -12.70
CA PRO B 98 8.24 -16.17 -12.44
C PRO B 98 9.23 -17.09 -11.73
N ARG B 99 10.49 -16.69 -11.68
CA ARG B 99 11.45 -17.49 -10.95
C ARG B 99 10.90 -17.31 -9.53
N HIS B 100 10.80 -18.39 -8.77
CA HIS B 100 10.23 -18.28 -7.44
C HIS B 100 10.70 -19.36 -6.48
N SER B 101 10.34 -19.16 -5.21
CA SER B 101 10.64 -20.11 -4.16
C SER B 101 9.52 -19.98 -3.14
N PHE B 102 9.42 -20.94 -2.22
CA PHE B 102 8.40 -20.89 -1.19
C PHE B 102 9.10 -20.78 0.15
N ARG B 103 8.65 -19.86 0.99
CA ARG B 103 9.26 -19.67 2.30
C ARG B 103 8.20 -19.50 3.38
N THR B 104 8.56 -19.84 4.61
CA THR B 104 7.64 -19.71 5.73
C THR B 104 8.05 -18.48 6.55
N LEU B 105 7.10 -17.59 6.77
CA LEU B 105 7.33 -16.35 7.51
C LEU B 105 7.62 -16.60 8.97
N LYS B 106 8.46 -15.74 9.54
CA LYS B 106 8.78 -15.82 10.96
C LYS B 106 8.01 -14.70 11.63
N SER B 107 7.89 -14.78 12.96
CA SER B 107 7.18 -13.77 13.72
C SER B 107 7.74 -12.39 13.46
N GLY B 108 6.87 -11.44 13.10
CA GLY B 108 7.32 -10.08 12.86
C GLY B 108 7.85 -9.77 11.46
N GLU B 109 7.85 -10.75 10.56
CA GLU B 109 8.36 -10.51 9.22
C GLU B 109 7.30 -9.84 8.33
N GLY B 110 7.76 -8.93 7.48
CA GLY B 110 6.85 -8.24 6.60
C GLY B 110 6.74 -8.87 5.22
N PHE B 111 5.61 -8.65 4.57
CA PHE B 111 5.40 -9.18 3.24
C PHE B 111 4.29 -8.42 2.54
N ASN B 112 3.93 -8.89 1.34
CA ASN B 112 2.91 -8.21 0.54
C ASN B 112 1.74 -9.14 0.26
N ILE B 113 0.53 -8.59 0.33
CA ILE B 113 -0.65 -9.37 0.01
C ILE B 113 -1.35 -8.80 -1.20
N LEU B 114 -1.66 -9.68 -2.16
CA LEU B 114 -2.41 -9.28 -3.34
C LEU B 114 -3.83 -9.79 -3.07
N ALA B 115 -4.73 -8.89 -2.69
CA ALA B 115 -6.11 -9.26 -2.40
C ALA B 115 -6.85 -9.52 -3.71
N CYS B 116 -7.33 -10.76 -3.87
CA CYS B 116 -8.04 -11.18 -5.08
C CYS B 116 -9.48 -11.65 -4.78
N TYR B 117 -10.38 -11.59 -5.76
CA TYR B 117 -11.75 -12.00 -5.49
C TYR B 117 -12.56 -12.96 -6.37
N ASP B 118 -12.09 -13.22 -7.57
CA ASP B 118 -12.80 -14.14 -8.47
C ASP B 118 -11.69 -14.49 -9.45
N GLY B 119 -10.50 -14.68 -8.89
CA GLY B 119 -9.34 -14.98 -9.68
C GLY B 119 -8.77 -13.70 -10.26
N CYS B 120 -9.22 -12.56 -9.73
CA CYS B 120 -8.76 -11.24 -10.20
C CYS B 120 -8.26 -10.37 -9.05
N ALA B 121 -7.08 -9.77 -9.24
CA ALA B 121 -6.50 -8.90 -8.20
C ALA B 121 -7.24 -7.57 -8.10
N GLN B 122 -7.52 -7.16 -6.86
CA GLN B 122 -8.25 -5.92 -6.62
C GLN B 122 -7.40 -4.91 -5.86
N GLY B 123 -6.45 -5.39 -5.07
CA GLY B 123 -5.61 -4.48 -4.31
C GLY B 123 -4.35 -5.14 -3.81
N VAL B 124 -3.41 -4.33 -3.36
CA VAL B 124 -2.16 -4.85 -2.85
C VAL B 124 -1.74 -3.99 -1.67
N PHE B 125 -1.22 -4.63 -0.63
CA PHE B 125 -0.79 -3.88 0.54
C PHE B 125 0.28 -4.62 1.30
N GLY B 126 1.08 -3.87 2.06
CA GLY B 126 2.13 -4.46 2.85
C GLY B 126 1.57 -4.81 4.21
N VAL B 127 1.99 -5.94 4.76
CA VAL B 127 1.54 -6.38 6.08
C VAL B 127 2.67 -7.07 6.81
N ASN B 128 2.48 -7.27 8.11
CA ASN B 128 3.47 -7.96 8.93
C ASN B 128 2.80 -9.14 9.62
N MET B 129 3.53 -10.25 9.72
CA MET B 129 3.02 -11.41 10.41
C MET B 129 3.19 -11.04 11.90
N ARG B 130 2.08 -10.96 12.63
CA ARG B 130 2.17 -10.60 14.04
C ARG B 130 2.66 -11.75 14.92
N THR B 131 3.05 -11.42 16.15
CA THR B 131 3.56 -12.45 17.06
C THR B 131 2.51 -13.48 17.41
N ASN B 132 1.24 -13.17 17.19
CA ASN B 132 0.19 -14.15 17.48
C ASN B 132 -0.19 -14.90 16.19
N TRP B 133 0.66 -14.77 15.19
CA TRP B 133 0.50 -15.44 13.89
C TRP B 133 -0.73 -15.08 13.08
N THR B 134 -1.22 -13.86 13.26
CA THR B 134 -2.35 -13.37 12.48
C THR B 134 -1.89 -12.09 11.83
N ILE B 135 -2.63 -11.62 10.83
CA ILE B 135 -2.28 -10.37 10.18
C ILE B 135 -3.49 -9.45 10.24
N ARG B 136 -3.21 -8.16 10.11
CA ARG B 136 -4.25 -7.13 10.12
C ARG B 136 -4.54 -6.80 8.67
N GLY B 137 -5.36 -7.62 8.02
CA GLY B 137 -5.68 -7.37 6.63
C GLY B 137 -7.04 -6.75 6.46
N SER B 138 -7.51 -6.74 5.23
CA SER B 138 -8.83 -6.22 4.91
C SER B 138 -9.33 -7.15 3.82
N PHE B 139 -10.28 -8.00 4.18
CA PHE B 139 -10.84 -8.96 3.24
C PHE B 139 -12.33 -9.10 3.43
N ILE B 140 -12.99 -9.54 2.35
CA ILE B 140 -14.43 -9.78 2.34
C ILE B 140 -14.56 -11.20 1.79
N ASN B 141 -15.76 -11.77 1.83
CA ASN B 141 -15.95 -13.11 1.31
C ASN B 141 -15.41 -13.23 -0.11
N GLY B 142 -14.74 -14.34 -0.39
CA GLY B 142 -14.17 -14.57 -1.71
C GLY B 142 -12.68 -14.31 -1.78
N ALA B 143 -12.10 -13.81 -0.70
CA ALA B 143 -10.68 -13.50 -0.69
C ALA B 143 -9.78 -14.71 -0.43
N CYS B 144 -10.36 -15.84 -0.03
CA CYS B 144 -9.55 -17.02 0.24
C CYS B 144 -8.68 -17.39 -0.95
N GLY B 145 -7.44 -17.76 -0.66
CA GLY B 145 -6.52 -18.12 -1.73
C GLY B 145 -5.64 -16.96 -2.16
N SER B 146 -5.96 -15.75 -1.70
CA SER B 146 -5.16 -14.57 -2.06
C SER B 146 -3.72 -14.83 -1.61
N PRO B 147 -2.75 -14.58 -2.50
CA PRO B 147 -1.34 -14.81 -2.17
C PRO B 147 -0.56 -13.69 -1.50
N GLY B 148 0.36 -14.12 -0.63
CA GLY B 148 1.26 -13.22 0.07
C GLY B 148 2.62 -13.47 -0.54
N TYR B 149 3.40 -12.42 -0.78
CA TYR B 149 4.70 -12.59 -1.42
C TYR B 149 5.72 -11.52 -1.05
N ASN B 150 6.95 -11.75 -1.48
CA ASN B 150 8.05 -10.81 -1.32
C ASN B 150 8.91 -10.95 -2.57
N LEU B 151 9.44 -9.83 -3.05
CA LEU B 151 10.31 -9.86 -4.22
C LEU B 151 11.72 -9.73 -3.66
N LYS B 152 12.58 -10.67 -3.98
CA LYS B 152 13.94 -10.66 -3.47
C LYS B 152 14.92 -11.40 -4.37
N ASN B 153 16.11 -10.82 -4.52
CA ASN B 153 17.16 -11.42 -5.34
C ASN B 153 16.68 -11.88 -6.72
N GLY B 154 15.88 -11.06 -7.37
CA GLY B 154 15.39 -11.40 -8.70
C GLY B 154 14.33 -12.48 -8.80
N GLU B 155 13.71 -12.86 -7.68
CA GLU B 155 12.67 -13.88 -7.72
C GLU B 155 11.53 -13.51 -6.79
N VAL B 156 10.44 -14.27 -6.90
CA VAL B 156 9.29 -14.04 -6.04
C VAL B 156 9.25 -15.12 -4.96
N GLU B 157 9.15 -14.71 -3.71
CA GLU B 157 9.05 -15.66 -2.60
C GLU B 157 7.57 -15.73 -2.22
N PHE B 158 6.96 -16.89 -2.36
CA PHE B 158 5.56 -17.07 -1.99
C PHE B 158 5.53 -17.54 -0.54
N VAL B 159 4.84 -16.77 0.30
CA VAL B 159 4.84 -17.04 1.73
C VAL B 159 3.49 -17.14 2.44
N TYR B 160 2.41 -16.80 1.74
CA TYR B 160 1.12 -16.80 2.40
C TYR B 160 -0.04 -17.08 1.44
N MET B 161 -0.99 -17.89 1.90
CA MET B 161 -2.21 -18.21 1.15
C MET B 161 -3.34 -17.89 2.12
N HIS B 162 -4.19 -16.90 1.81
CA HIS B 162 -5.25 -16.54 2.74
C HIS B 162 -6.22 -17.70 2.96
N GLN B 163 -6.58 -17.93 4.23
CA GLN B 163 -7.46 -19.04 4.58
C GLN B 163 -8.74 -18.71 5.36
N ILE B 164 -8.60 -17.95 6.45
CA ILE B 164 -9.77 -17.64 7.29
C ILE B 164 -9.74 -16.29 7.97
N GLU B 165 -10.88 -15.92 8.54
CA GLU B 165 -10.99 -14.68 9.29
C GLU B 165 -11.56 -15.08 10.66
N LEU B 166 -10.83 -14.75 11.72
CA LEU B 166 -11.26 -15.10 13.07
C LEU B 166 -12.41 -14.20 13.53
N GLY B 167 -13.05 -14.59 14.63
CA GLY B 167 -14.17 -13.80 15.14
C GLY B 167 -13.75 -12.37 15.49
N SER B 168 -12.48 -12.20 15.81
CA SER B 168 -11.94 -10.90 16.17
C SER B 168 -11.72 -9.99 14.97
N GLY B 169 -11.73 -10.58 13.78
CA GLY B 169 -11.52 -9.79 12.58
C GLY B 169 -10.12 -10.00 12.02
N SER B 170 -9.25 -10.60 12.83
CA SER B 170 -7.87 -10.87 12.41
C SER B 170 -7.88 -11.93 11.31
N HIS B 171 -6.85 -11.92 10.47
CA HIS B 171 -6.79 -12.87 9.38
C HIS B 171 -5.67 -13.89 9.52
N VAL B 172 -5.95 -15.11 9.07
CA VAL B 172 -4.97 -16.18 9.15
C VAL B 172 -4.83 -16.89 7.80
N GLY B 173 -3.60 -17.25 7.47
CA GLY B 173 -3.35 -17.95 6.22
C GLY B 173 -2.40 -19.10 6.48
N SER B 174 -1.98 -19.76 5.40
CA SER B 174 -1.07 -20.88 5.52
C SER B 174 0.09 -20.67 4.58
N SER B 175 1.16 -21.44 4.77
CA SER B 175 2.28 -21.36 3.86
C SER B 175 1.87 -22.29 2.72
N PHE B 176 2.63 -22.31 1.65
CA PHE B 176 2.27 -23.15 0.52
C PHE B 176 2.52 -24.64 0.70
N ASP B 177 3.05 -25.02 1.86
CA ASP B 177 3.29 -26.42 2.16
C ASP B 177 2.05 -26.94 2.91
N GLY B 178 1.06 -26.06 3.09
CA GLY B 178 -0.17 -26.45 3.77
C GLY B 178 -0.18 -26.29 5.28
N VAL B 179 0.82 -25.61 5.83
CA VAL B 179 0.87 -25.41 7.27
C VAL B 179 0.22 -24.06 7.62
N MET B 180 -0.84 -24.11 8.40
CA MET B 180 -1.52 -22.89 8.79
C MET B 180 -0.66 -22.13 9.79
N TYR B 181 -0.48 -20.83 9.57
CA TYR B 181 0.30 -20.03 10.50
C TYR B 181 -0.42 -20.05 11.85
N GLY B 182 0.33 -20.20 12.93
CA GLY B 182 -0.26 -20.21 14.26
C GLY B 182 -0.98 -21.48 14.68
N GLY B 183 -1.07 -22.46 13.78
CA GLY B 183 -1.73 -23.71 14.12
C GLY B 183 -3.25 -23.66 14.13
N PHE B 184 -3.83 -22.58 13.63
CA PHE B 184 -5.29 -22.44 13.56
C PHE B 184 -5.83 -23.50 12.61
N GLU B 185 -7.10 -23.87 12.78
CA GLU B 185 -7.70 -24.87 11.90
C GLU B 185 -8.61 -24.22 10.86
N ASP B 186 -8.76 -24.86 9.71
CA ASP B 186 -9.65 -24.32 8.68
C ASP B 186 -11.05 -24.86 8.93
N GLN B 187 -11.55 -24.58 10.13
CA GLN B 187 -12.88 -25.01 10.56
C GLN B 187 -13.66 -23.77 10.98
N PRO B 188 -15.00 -23.83 10.87
CA PRO B 188 -15.85 -22.69 11.25
C PRO B 188 -15.94 -22.39 12.75
N ASN B 189 -15.56 -23.36 13.58
CA ASN B 189 -15.63 -23.18 15.02
C ASN B 189 -14.90 -21.94 15.52
N LEU B 190 -15.31 -21.46 16.69
CA LEU B 190 -14.71 -20.27 17.28
C LEU B 190 -13.27 -20.53 17.67
N GLN B 191 -12.36 -19.66 17.22
CA GLN B 191 -10.94 -19.79 17.54
C GLN B 191 -10.46 -18.42 18.00
N VAL B 192 -9.73 -18.38 19.10
CA VAL B 192 -9.22 -17.11 19.60
C VAL B 192 -7.70 -17.09 19.55
N GLU B 193 -7.14 -15.98 19.07
CA GLU B 193 -5.70 -15.85 18.98
C GLU B 193 -5.14 -15.34 20.30
N SER B 194 -3.84 -15.54 20.50
CA SER B 194 -3.20 -15.07 21.72
C SER B 194 -3.02 -13.55 21.63
N ALA B 195 -2.63 -12.93 22.73
CA ALA B 195 -2.44 -11.49 22.77
C ALA B 195 -1.33 -11.07 21.83
N ASN B 196 -1.56 -9.99 21.09
CA ASN B 196 -0.56 -9.48 20.17
C ASN B 196 0.48 -8.71 20.96
N GLN B 197 1.70 -8.64 20.44
CA GLN B 197 2.79 -7.91 21.09
C GLN B 197 3.35 -6.88 20.14
N MET B 198 3.67 -5.70 20.67
CA MET B 198 4.25 -4.64 19.84
C MET B 198 5.65 -5.08 19.44
N LEU B 199 5.97 -4.98 18.16
CA LEU B 199 7.29 -5.37 17.67
C LEU B 199 8.30 -4.28 17.98
N THR B 200 9.08 -4.48 19.04
CA THR B 200 10.07 -3.50 19.46
C THR B 200 11.06 -3.05 18.37
N VAL B 201 11.67 -4.00 17.65
CA VAL B 201 12.62 -3.61 16.61
C VAL B 201 12.00 -2.68 15.57
N ASN B 202 10.72 -2.89 15.25
CA ASN B 202 10.05 -2.04 14.27
C ASN B 202 9.81 -0.64 14.84
N VAL B 203 9.47 -0.58 16.12
CA VAL B 203 9.24 0.72 16.76
C VAL B 203 10.56 1.50 16.76
N VAL B 204 11.67 0.80 17.05
CA VAL B 204 12.98 1.44 17.07
C VAL B 204 13.32 1.95 15.67
N ALA B 205 13.00 1.15 14.65
CA ALA B 205 13.27 1.54 13.26
C ALA B 205 12.46 2.79 12.93
N PHE B 206 11.21 2.79 13.38
CA PHE B 206 10.29 3.91 13.14
C PHE B 206 10.83 5.20 13.77
N LEU B 207 11.41 5.08 14.96
CA LEU B 207 11.96 6.24 15.63
C LEU B 207 13.22 6.73 14.92
N TYR B 208 13.99 5.81 14.33
CA TYR B 208 15.19 6.23 13.59
C TYR B 208 14.75 6.92 12.30
N ALA B 209 13.66 6.45 11.72
CA ALA B 209 13.14 7.05 10.50
C ALA B 209 12.70 8.48 10.79
N ALA B 210 12.17 8.69 11.98
CA ALA B 210 11.70 10.00 12.40
C ALA B 210 12.89 10.95 12.51
N ILE B 211 13.98 10.45 13.07
CA ILE B 211 15.20 11.23 13.23
C ILE B 211 15.75 11.64 11.86
N LEU B 212 15.79 10.69 10.94
CA LEU B 212 16.31 10.95 9.59
C LEU B 212 15.42 11.91 8.78
N ASN B 213 14.17 12.08 9.21
CA ASN B 213 13.26 12.98 8.50
C ASN B 213 13.07 14.31 9.24
N GLY B 214 13.90 14.55 10.25
CA GLY B 214 13.82 15.80 10.99
C GLY B 214 12.74 15.95 12.05
N CYS B 215 12.24 14.83 12.58
CA CYS B 215 11.21 14.85 13.61
C CYS B 215 11.80 14.27 14.90
N THR B 216 12.25 15.13 15.80
CA THR B 216 12.88 14.66 17.04
C THR B 216 12.46 15.39 18.32
N TRP B 217 11.24 15.89 18.37
CA TRP B 217 10.75 16.61 19.55
C TRP B 217 10.74 15.69 20.78
N TRP B 218 10.50 14.41 20.52
CA TRP B 218 10.42 13.37 21.54
C TRP B 218 11.79 12.87 22.03
N LEU B 219 12.81 13.02 21.20
CA LEU B 219 14.14 12.54 21.55
C LEU B 219 14.78 13.25 22.74
N LYS B 220 15.19 12.47 23.73
CA LYS B 220 15.84 12.99 24.92
C LYS B 220 17.25 12.42 25.05
N GLY B 221 17.96 12.77 26.12
CA GLY B 221 19.31 12.29 26.31
C GLY B 221 19.45 11.03 27.14
N GLU B 222 18.46 10.75 27.99
CA GLU B 222 18.51 9.58 28.84
C GLU B 222 18.62 8.27 28.06
N LYS B 223 19.35 7.32 28.62
CA LYS B 223 19.56 6.02 27.99
C LYS B 223 18.95 4.90 28.83
N LEU B 224 18.54 3.82 28.16
CA LEU B 224 17.95 2.67 28.83
C LEU B 224 18.61 1.38 28.32
N PHE B 225 19.26 0.65 29.23
CA PHE B 225 19.93 -0.58 28.85
C PHE B 225 18.98 -1.60 28.25
N VAL B 226 19.47 -2.35 27.27
CA VAL B 226 18.66 -3.36 26.61
C VAL B 226 18.14 -4.39 27.60
N GLU B 227 19.02 -4.87 28.47
CA GLU B 227 18.65 -5.87 29.48
C GLU B 227 17.44 -5.39 30.29
N HIS B 228 17.46 -4.12 30.67
CA HIS B 228 16.38 -3.53 31.47
C HIS B 228 15.12 -3.31 30.66
N TYR B 229 15.28 -2.82 29.43
CA TYR B 229 14.11 -2.61 28.57
C TYR B 229 13.38 -3.92 28.40
N ASN B 230 14.12 -4.99 28.15
CA ASN B 230 13.53 -6.31 27.95
C ASN B 230 12.70 -6.78 29.14
N GLU B 231 13.11 -6.38 30.35
CA GLU B 231 12.36 -6.77 31.54
C GLU B 231 11.00 -6.08 31.50
N TRP B 232 11.03 -4.81 31.12
CA TRP B 232 9.83 -4.00 31.01
C TRP B 232 8.91 -4.52 29.90
N ALA B 233 9.49 -4.80 28.74
CA ALA B 233 8.74 -5.29 27.58
C ALA B 233 7.96 -6.57 27.88
N GLN B 234 8.63 -7.54 28.48
CA GLN B 234 8.01 -8.82 28.82
C GLN B 234 6.74 -8.66 29.65
N ALA B 235 6.65 -7.55 30.39
CA ALA B 235 5.49 -7.31 31.24
C ALA B 235 4.55 -6.24 30.70
N ASN B 236 4.91 -5.62 29.58
CA ASN B 236 4.07 -4.56 29.01
C ASN B 236 3.59 -4.77 27.57
N GLY B 237 3.62 -6.02 27.09
CA GLY B 237 3.13 -6.31 25.75
C GLY B 237 4.03 -5.94 24.58
N PHE B 238 5.34 -5.89 24.82
CA PHE B 238 6.31 -5.58 23.77
C PHE B 238 7.28 -6.74 23.65
N THR B 239 7.80 -6.96 22.45
CA THR B 239 8.76 -8.05 22.23
C THR B 239 10.12 -7.57 22.73
N ALA B 240 11.04 -8.50 22.94
CA ALA B 240 12.37 -8.16 23.39
C ALA B 240 13.19 -7.50 22.28
N MET B 241 14.16 -6.66 22.67
CA MET B 241 15.02 -5.99 21.70
C MET B 241 16.04 -7.02 21.22
N ASN B 242 16.31 -7.03 19.92
CA ASN B 242 17.26 -7.96 19.33
C ASN B 242 17.95 -7.28 18.15
N GLY B 243 18.33 -8.07 17.14
CA GLY B 243 18.99 -7.53 15.97
C GLY B 243 20.24 -6.74 16.34
N GLU B 244 20.08 -5.42 16.50
CA GLU B 244 21.19 -4.53 16.86
C GLU B 244 22.18 -4.35 15.72
N ASP B 245 22.27 -5.34 14.84
CA ASP B 245 23.19 -5.28 13.71
C ASP B 245 22.97 -4.04 12.87
N ALA B 246 21.87 -4.03 12.12
CA ALA B 246 21.54 -2.90 11.28
C ALA B 246 21.27 -1.68 12.15
N PHE B 247 20.87 -1.92 13.39
CA PHE B 247 20.59 -0.83 14.31
C PHE B 247 21.86 -0.09 14.71
N SER B 248 22.96 -0.82 14.86
CA SER B 248 24.23 -0.20 15.22
C SER B 248 24.70 0.65 14.05
N ILE B 249 24.32 0.25 12.85
CA ILE B 249 24.70 0.99 11.65
C ILE B 249 23.97 2.33 11.64
N LEU B 250 22.68 2.33 12.02
CA LEU B 250 21.89 3.56 12.07
C LEU B 250 22.29 4.42 13.26
N ALA B 251 22.64 3.77 14.37
CA ALA B 251 23.07 4.50 15.55
C ALA B 251 24.32 5.31 15.20
N ALA B 252 25.22 4.68 14.45
CA ALA B 252 26.45 5.33 14.03
C ALA B 252 26.16 6.46 13.03
N LYS B 253 25.24 6.20 12.12
CA LYS B 253 24.85 7.19 11.10
C LYS B 253 24.21 8.44 11.68
N THR B 254 23.32 8.26 12.65
CA THR B 254 22.61 9.39 13.26
C THR B 254 23.26 9.89 14.55
N GLY B 255 24.19 9.11 15.08
CA GLY B 255 24.85 9.50 16.32
C GLY B 255 23.96 9.33 17.53
N VAL B 256 22.80 8.68 17.33
CA VAL B 256 21.85 8.44 18.40
C VAL B 256 21.80 6.94 18.70
N CYS B 257 22.30 6.55 19.88
CA CYS B 257 22.32 5.13 20.27
C CYS B 257 20.93 4.54 20.50
N VAL B 258 20.83 3.24 20.37
CA VAL B 258 19.57 2.51 20.55
C VAL B 258 18.99 2.71 21.95
N GLU B 259 19.86 2.79 22.94
CA GLU B 259 19.44 2.98 24.33
C GLU B 259 18.54 4.19 24.54
N ARG B 260 18.82 5.27 23.82
CA ARG B 260 18.01 6.49 23.93
C ARG B 260 16.62 6.25 23.37
N LEU B 261 16.52 5.45 22.32
CA LEU B 261 15.24 5.14 21.70
C LEU B 261 14.40 4.19 22.54
N LEU B 262 15.06 3.23 23.20
CA LEU B 262 14.31 2.30 24.05
C LEU B 262 13.70 3.10 25.21
N HIS B 263 14.41 4.13 25.66
CA HIS B 263 13.90 4.95 26.74
C HIS B 263 12.69 5.72 26.24
N ALA B 264 12.77 6.20 25.01
CA ALA B 264 11.67 6.96 24.40
C ALA B 264 10.43 6.07 24.24
N ILE B 265 10.63 4.82 23.85
CA ILE B 265 9.51 3.90 23.68
C ILE B 265 8.76 3.75 25.01
N GLN B 266 9.52 3.54 26.07
CA GLN B 266 8.97 3.36 27.41
C GLN B 266 8.11 4.55 27.81
N VAL B 267 8.53 5.74 27.41
CA VAL B 267 7.82 6.97 27.72
C VAL B 267 6.67 7.23 26.76
N LEU B 268 6.95 7.15 25.47
CA LEU B 268 5.93 7.40 24.43
C LEU B 268 4.78 6.41 24.47
N ASN B 269 4.96 5.29 25.17
CA ASN B 269 3.93 4.28 25.26
C ASN B 269 2.78 4.80 26.12
N ASN B 270 3.01 5.91 26.82
CA ASN B 270 2.00 6.50 27.68
C ASN B 270 1.18 7.53 26.92
N GLY B 271 1.66 7.93 25.74
CA GLY B 271 0.94 8.90 24.94
C GLY B 271 1.84 9.95 24.30
N PHE B 272 1.40 10.50 23.17
CA PHE B 272 2.16 11.51 22.44
C PHE B 272 1.83 12.93 22.89
N GLY B 273 0.96 13.05 23.88
CA GLY B 273 0.59 14.37 24.38
C GLY B 273 -0.04 15.28 23.35
N GLY B 274 -0.64 14.70 22.32
CA GLY B 274 -1.29 15.50 21.29
C GLY B 274 -0.42 15.82 20.09
N LYS B 275 0.82 15.34 20.10
CA LYS B 275 1.73 15.59 19.00
C LYS B 275 1.81 14.37 18.09
N GLN B 276 2.43 14.52 16.94
CA GLN B 276 2.56 13.42 15.99
C GLN B 276 4.02 13.15 15.64
N ILE B 277 4.26 11.96 15.07
CA ILE B 277 5.58 11.56 14.64
C ILE B 277 5.41 10.94 13.27
N LEU B 278 5.91 11.62 12.24
CA LEU B 278 5.80 11.14 10.87
C LEU B 278 4.36 10.87 10.45
N GLY B 279 3.42 11.59 11.06
CA GLY B 279 2.02 11.43 10.72
C GLY B 279 1.23 10.47 11.59
N TYR B 280 1.85 9.98 12.67
CA TYR B 280 1.15 9.07 13.57
C TYR B 280 1.00 9.68 14.96
N SER B 281 -0.04 9.26 15.68
CA SER B 281 -0.31 9.79 17.02
C SER B 281 -0.02 8.83 18.16
N SER B 282 0.61 7.70 17.84
CA SER B 282 0.98 6.70 18.85
C SER B 282 2.10 5.86 18.26
N LEU B 283 2.83 5.15 19.11
CA LEU B 283 3.93 4.30 18.63
C LEU B 283 3.44 3.38 17.52
N ASN B 284 4.25 3.25 16.49
CA ASN B 284 3.91 2.40 15.35
C ASN B 284 4.94 1.29 15.16
N ASP B 285 4.47 0.05 15.04
CA ASP B 285 5.38 -1.07 14.83
C ASP B 285 5.18 -1.72 13.47
N GLU B 286 4.67 -0.95 12.52
CA GLU B 286 4.42 -1.46 11.17
C GLU B 286 5.63 -1.45 10.24
N PHE B 287 6.63 -0.63 10.54
CA PHE B 287 7.81 -0.55 9.67
C PHE B 287 9.04 -1.24 10.25
N SER B 288 9.62 -2.15 9.46
CA SER B 288 10.82 -2.87 9.88
C SER B 288 12.04 -2.03 9.52
N ILE B 289 13.20 -2.39 10.05
CA ILE B 289 14.41 -1.64 9.74
C ILE B 289 14.71 -1.78 8.26
N ASN B 290 14.30 -2.91 7.70
CA ASN B 290 14.50 -3.18 6.28
C ASN B 290 13.74 -2.15 5.45
N GLU B 291 12.47 -1.92 5.81
CA GLU B 291 11.64 -0.97 5.07
C GLU B 291 12.18 0.45 5.25
N VAL B 292 12.56 0.79 6.48
CA VAL B 292 13.10 2.11 6.78
C VAL B 292 14.38 2.40 5.99
N VAL B 293 15.31 1.46 5.99
CA VAL B 293 16.57 1.68 5.26
C VAL B 293 16.36 1.72 3.75
N LYS B 294 15.44 0.90 3.24
CA LYS B 294 15.19 0.90 1.81
C LYS B 294 14.54 2.19 1.35
N GLN B 295 13.60 2.70 2.14
CA GLN B 295 12.90 3.93 1.79
C GLN B 295 13.72 5.20 1.97
N MET B 296 14.66 5.19 2.91
CA MET B 296 15.44 6.39 3.13
C MET B 296 16.86 6.35 2.56
N PHE B 297 17.41 5.15 2.40
CA PHE B 297 18.76 4.99 1.87
C PHE B 297 18.77 4.31 0.51
N GLY B 298 17.64 3.72 0.12
CA GLY B 298 17.53 3.04 -1.16
C GLY B 298 18.28 1.72 -1.22
N VAL B 299 18.69 1.20 -0.06
CA VAL B 299 19.44 -0.05 -0.02
C VAL B 299 18.72 -1.19 0.69
N ASN B 300 18.97 -2.41 0.21
CA ASN B 300 18.39 -3.62 0.79
C ASN B 300 19.38 -4.24 1.75
N LEU B 301 18.96 -4.48 3.00
CA LEU B 301 19.82 -5.08 4.00
C LEU B 301 20.22 -6.50 3.60
C1 MPD C . 12.98 12.81 -6.66
C2 MPD C . 12.64 14.01 -5.74
O2 MPD C . 11.30 13.77 -5.10
CM MPD C . 12.54 15.28 -6.60
C3 MPD C . 13.79 14.21 -4.68
C4 MPD C . 14.08 13.01 -3.69
O4 MPD C . 15.20 13.39 -2.78
C5 MPD C . 12.86 12.64 -2.82
S1 DTZ D . 16.00 14.58 -11.94
ZN DTZ D . 14.10 15.45 -11.03
S2 DTZ D . 15.43 16.57 -9.52
S1 DTZ E . -14.32 -19.90 0.30
ZN DTZ E . -12.97 -19.55 2.11
S2 DTZ E . -14.98 -19.31 3.17
#